data_2JSI
#
_entry.id   2JSI
#
_entity_poly.entity_id   1
_entity_poly.type   'polypeptide(L)'
_entity_poly.pdbx_seq_one_letter_code
;LSGAQYQQHGRAL(NH2)
;
_entity_poly.pdbx_strand_id   A
#
loop_
_chem_comp.id
_chem_comp.type
_chem_comp.name
_chem_comp.formula
NH2 non-polymer 'AMINO GROUP' 'H2 N'
#
# COMPACT_ATOMS: atom_id res chain seq x y z
N LEU A 1 9.28 10.71 -5.00
CA LEU A 1 9.10 9.35 -4.52
C LEU A 1 7.64 8.93 -4.73
N SER A 2 7.45 7.63 -4.91
CA SER A 2 6.12 7.10 -5.13
C SER A 2 5.95 5.77 -4.37
N GLY A 3 5.21 5.84 -3.28
CA GLY A 3 4.97 4.66 -2.47
C GLY A 3 3.55 4.13 -2.66
N ALA A 4 3.35 3.45 -3.77
CA ALA A 4 2.05 2.89 -4.08
C ALA A 4 2.15 1.36 -4.12
N GLN A 5 0.98 0.72 -4.17
CA GLN A 5 0.92 -0.72 -4.20
C GLN A 5 1.03 -1.29 -2.79
N TYR A 6 1.25 -0.39 -1.84
CA TYR A 6 1.38 -0.79 -0.45
C TYR A 6 0.13 -0.42 0.35
N GLN A 7 -0.73 0.37 -0.30
CA GLN A 7 -1.96 0.82 0.34
C GLN A 7 -3.16 0.43 -0.52
N GLN A 8 -2.99 -0.64 -1.27
CA GLN A 8 -4.05 -1.13 -2.14
C GLN A 8 -4.30 -2.62 -1.88
N HIS A 9 -3.62 -3.14 -0.88
CA HIS A 9 -3.76 -4.54 -0.51
C HIS A 9 -4.42 -4.65 0.86
N GLY A 10 -4.47 -3.52 1.54
CA GLY A 10 -5.07 -3.47 2.87
C GLY A 10 -4.57 -4.64 3.73
N ARG A 11 -3.26 -4.73 3.85
CA ARG A 11 -2.64 -5.79 4.64
C ARG A 11 -2.53 -5.36 6.10
N ALA A 12 -3.07 -4.17 6.38
CA ALA A 12 -3.03 -3.64 7.73
C ALA A 12 -3.51 -2.18 7.71
N LEU A 13 -2.77 -1.36 6.96
CA LEU A 13 -3.11 0.04 6.85
C LEU A 13 -3.23 0.64 8.25
N NH2 A 14 -2.09 0.84 8.88
HN1 NH2 A 14 -2.09 1.23 9.81
HN2 NH2 A 14 -1.23 0.59 8.44
N LEU A 1 11.74 4.07 -6.15
CA LEU A 1 11.03 4.10 -4.88
C LEU A 1 9.74 3.31 -5.01
N SER A 2 9.31 2.75 -3.89
CA SER A 2 8.07 1.97 -3.87
C SER A 2 7.21 2.40 -2.69
N GLY A 3 6.09 3.05 -3.02
CA GLY A 3 5.17 3.51 -2.00
C GLY A 3 3.88 4.04 -2.63
N ALA A 4 3.03 3.10 -3.01
CA ALA A 4 1.76 3.45 -3.63
C ALA A 4 0.85 2.22 -3.66
N GLN A 5 1.35 1.18 -4.30
CA GLN A 5 0.59 -0.06 -4.41
C GLN A 5 0.56 -0.78 -3.07
N TYR A 6 1.29 -0.22 -2.11
CA TYR A 6 1.35 -0.79 -0.78
C TYR A 6 0.06 -0.50 0.00
N GLN A 7 -0.75 0.38 -0.58
CA GLN A 7 -2.00 0.75 0.06
C GLN A 7 -3.19 0.25 -0.77
N GLN A 8 -2.97 -0.90 -1.41
CA GLN A 8 -4.00 -1.50 -2.23
C GLN A 8 -4.19 -2.97 -1.87
N HIS A 9 -3.49 -3.38 -0.83
CA HIS A 9 -3.55 -4.75 -0.37
C HIS A 9 -4.23 -4.81 1.00
N GLY A 10 -4.38 -3.64 1.60
CA GLY A 10 -5.01 -3.53 2.90
C GLY A 10 -4.50 -4.62 3.85
N ARG A 11 -3.19 -4.77 3.88
CA ARG A 11 -2.56 -5.76 4.73
C ARG A 11 -2.25 -5.16 6.11
N ALA A 12 -2.77 -3.97 6.33
CA ALA A 12 -2.56 -3.28 7.59
C ALA A 12 -3.34 -1.97 7.59
N LEU A 13 -2.85 -1.02 6.80
CA LEU A 13 -3.49 0.28 6.70
C LEU A 13 -3.92 0.74 8.09
N NH2 A 14 -2.99 1.38 8.78
HN1 NH2 A 14 -3.19 1.71 9.71
HN2 NH2 A 14 -2.08 1.52 8.39
N LEU A 1 2.92 10.34 -4.47
CA LEU A 1 2.81 9.81 -5.81
C LEU A 1 3.44 8.42 -5.88
N SER A 2 4.74 8.39 -5.64
CA SER A 2 5.47 7.14 -5.67
C SER A 2 5.00 6.24 -4.52
N GLY A 3 5.57 5.03 -4.49
CA GLY A 3 5.21 4.08 -3.46
C GLY A 3 3.72 4.14 -3.14
N ALA A 4 2.93 3.54 -4.01
CA ALA A 4 1.49 3.52 -3.84
C ALA A 4 0.97 2.10 -4.08
N GLN A 5 1.77 1.13 -3.65
CA GLN A 5 1.40 -0.27 -3.82
C GLN A 5 1.29 -0.96 -2.46
N TYR A 6 1.43 -0.15 -1.41
CA TYR A 6 1.36 -0.68 -0.06
C TYR A 6 0.00 -0.36 0.57
N GLN A 7 -0.75 0.49 -0.12
CA GLN A 7 -2.07 0.89 0.37
C GLN A 7 -3.15 0.39 -0.60
N GLN A 8 -2.86 -0.72 -1.24
CA GLN A 8 -3.80 -1.32 -2.18
C GLN A 8 -4.01 -2.80 -1.88
N HIS A 9 -3.40 -3.23 -0.78
CA HIS A 9 -3.51 -4.62 -0.36
C HIS A 9 -4.29 -4.71 0.95
N GLY A 10 -4.47 -3.55 1.57
CA GLY A 10 -5.19 -3.48 2.83
C GLY A 10 -4.85 -4.67 3.72
N ARG A 11 -3.55 -4.91 3.87
CA ARG A 11 -3.08 -6.01 4.69
C ARG A 11 -2.95 -5.56 6.14
N ALA A 12 -3.24 -4.28 6.37
CA ALA A 12 -3.17 -3.72 7.70
C ALA A 12 -3.50 -2.22 7.65
N LEU A 13 -2.74 -1.51 6.83
CA LEU A 13 -2.95 -0.08 6.69
C LEU A 13 -2.42 0.63 7.92
N NH2 A 14 -3.08 0.36 9.04
HN1 NH2 A 14 -2.80 0.79 9.91
HN2 NH2 A 14 -3.84 -0.28 9.03
N LEU A 1 10.45 6.70 -3.37
CA LEU A 1 10.24 5.43 -2.71
C LEU A 1 8.87 5.43 -2.02
N SER A 2 7.87 5.87 -2.77
CA SER A 2 6.52 5.93 -2.25
C SER A 2 5.76 4.65 -2.61
N GLY A 3 5.47 3.86 -1.58
CA GLY A 3 4.76 2.62 -1.77
C GLY A 3 3.60 2.79 -2.74
N ALA A 4 2.52 3.37 -2.24
CA ALA A 4 1.34 3.60 -3.06
C ALA A 4 0.65 2.28 -3.33
N GLN A 5 1.37 1.40 -4.03
CA GLN A 5 0.84 0.09 -4.36
C GLN A 5 0.75 -0.78 -3.11
N TYR A 6 1.29 -0.25 -2.02
CA TYR A 6 1.29 -0.98 -0.76
C TYR A 6 0.01 -0.69 0.03
N GLN A 7 -0.74 0.29 -0.45
CA GLN A 7 -1.98 0.67 0.21
C GLN A 7 -3.18 0.20 -0.62
N GLN A 8 -2.96 -0.84 -1.41
CA GLN A 8 -4.00 -1.39 -2.26
C GLN A 8 -4.20 -2.87 -1.95
N HIS A 9 -3.50 -3.33 -0.92
CA HIS A 9 -3.60 -4.72 -0.52
C HIS A 9 -4.25 -4.81 0.87
N GLY A 10 -4.35 -3.66 1.51
CA GLY A 10 -4.94 -3.59 2.83
C GLY A 10 -4.28 -4.58 3.78
N ARG A 11 -2.95 -4.63 3.72
CA ARG A 11 -2.19 -5.53 4.57
C ARG A 11 -1.84 -4.84 5.89
N ALA A 12 -2.45 -3.68 6.09
CA ALA A 12 -2.21 -2.92 7.31
C ALA A 12 -3.13 -1.70 7.33
N LEU A 13 -2.83 -0.75 6.46
CA LEU A 13 -3.62 0.47 6.36
C LEU A 13 -4.83 0.22 5.48
N NH2 A 14 -6.01 0.47 6.04
HN1 NH2 A 14 -6.85 0.33 5.53
HN2 NH2 A 14 -6.05 0.81 6.98
N LEU A 1 5.65 11.27 -4.66
CA LEU A 1 5.26 10.49 -3.50
C LEU A 1 5.87 9.10 -3.60
N SER A 2 5.51 8.39 -4.66
CA SER A 2 6.02 7.05 -4.88
C SER A 2 5.50 6.10 -3.82
N GLY A 3 5.69 4.81 -4.05
CA GLY A 3 5.25 3.80 -3.11
C GLY A 3 3.74 3.91 -2.86
N ALA A 4 2.97 3.40 -3.80
CA ALA A 4 1.53 3.44 -3.69
C ALA A 4 0.95 2.09 -4.11
N GLN A 5 1.69 1.04 -3.78
CA GLN A 5 1.27 -0.32 -4.10
C GLN A 5 1.16 -1.17 -2.84
N TYR A 6 1.47 -0.54 -1.72
CA TYR A 6 1.41 -1.22 -0.43
C TYR A 6 0.17 -0.80 0.37
N GLN A 7 -0.48 0.24 -0.13
CA GLN A 7 -1.68 0.75 0.52
C GLN A 7 -2.91 0.47 -0.34
N GLN A 8 -2.84 -0.61 -1.10
CA GLN A 8 -3.93 -1.00 -1.97
C GLN A 8 -4.28 -2.48 -1.75
N HIS A 9 -3.62 -3.07 -0.77
CA HIS A 9 -3.84 -4.47 -0.46
C HIS A 9 -4.49 -4.59 0.92
N GLY A 10 -4.48 -3.48 1.64
CA GLY A 10 -5.07 -3.44 2.98
C GLY A 10 -4.44 -4.51 3.88
N ARG A 11 -3.13 -4.67 3.73
CA ARG A 11 -2.41 -5.65 4.52
C ARG A 11 -1.92 -5.02 5.82
N ALA A 12 -2.54 -3.91 6.18
CA ALA A 12 -2.18 -3.21 7.40
C ALA A 12 -3.27 -2.18 7.74
N LEU A 13 -3.63 -1.40 6.73
CA LEU A 13 -4.65 -0.38 6.90
C LEU A 13 -5.81 -0.96 7.73
N NH2 A 14 -5.84 -0.56 8.99
HN1 NH2 A 14 -6.57 -0.89 9.60
HN2 NH2 A 14 -5.15 0.07 9.34
N LEU A 1 9.37 3.88 1.84
CA LEU A 1 9.63 3.60 0.44
C LEU A 1 8.36 3.89 -0.38
N SER A 2 8.53 3.87 -1.69
CA SER A 2 7.42 4.13 -2.59
C SER A 2 6.17 3.38 -2.10
N GLY A 3 5.19 4.16 -1.66
CA GLY A 3 3.94 3.59 -1.16
C GLY A 3 2.80 3.86 -2.14
N ALA A 4 2.78 3.09 -3.23
CA ALA A 4 1.75 3.25 -4.23
C ALA A 4 0.92 1.96 -4.29
N GLN A 5 1.62 0.84 -4.31
CA GLN A 5 0.96 -0.46 -4.37
C GLN A 5 0.87 -1.06 -2.97
N TYR A 6 1.50 -0.39 -2.02
CA TYR A 6 1.50 -0.85 -0.64
C TYR A 6 0.20 -0.44 0.07
N GLN A 7 -0.56 0.41 -0.60
CA GLN A 7 -1.82 0.88 -0.04
C GLN A 7 -2.99 0.37 -0.89
N GLN A 8 -2.80 -0.80 -1.48
CA GLN A 8 -3.83 -1.40 -2.31
C GLN A 8 -4.08 -2.85 -1.88
N HIS A 9 -3.42 -3.24 -0.80
CA HIS A 9 -3.56 -4.59 -0.28
C HIS A 9 -4.26 -4.54 1.08
N GLY A 10 -4.36 -3.34 1.62
CA GLY A 10 -5.00 -3.15 2.91
C GLY A 10 -4.68 -4.31 3.86
N ARG A 11 -3.42 -4.71 3.85
CA ARG A 11 -2.97 -5.80 4.70
C ARG A 11 -2.73 -5.29 6.12
N ALA A 12 -2.93 -3.99 6.29
CA ALA A 12 -2.74 -3.37 7.60
C ALA A 12 -3.06 -1.89 7.50
N LEU A 13 -2.35 -1.22 6.60
CA LEU A 13 -2.54 0.21 6.40
C LEU A 13 -3.59 0.43 5.29
N NH2 A 14 -4.45 1.40 5.54
HN1 NH2 A 14 -5.17 1.60 4.86
HN2 NH2 A 14 -4.40 1.93 6.38
N LEU A 1 5.82 9.21 2.25
CA LEU A 1 4.57 9.70 1.69
C LEU A 1 4.59 9.52 0.16
N SER A 2 4.75 8.27 -0.25
CA SER A 2 4.80 7.95 -1.67
C SER A 2 5.16 6.47 -1.87
N GLY A 3 4.20 5.62 -1.52
CA GLY A 3 4.40 4.19 -1.66
C GLY A 3 3.15 3.52 -2.25
N ALA A 4 3.12 3.49 -3.57
CA ALA A 4 1.99 2.88 -4.27
C ALA A 4 2.15 1.36 -4.25
N GLN A 5 1.01 0.68 -4.28
CA GLN A 5 1.01 -0.77 -4.27
C GLN A 5 1.12 -1.29 -2.83
N TYR A 6 1.31 -0.35 -1.91
CA TYR A 6 1.43 -0.70 -0.51
C TYR A 6 0.17 -0.31 0.27
N GLN A 7 -0.70 0.44 -0.41
CA GLN A 7 -1.93 0.89 0.20
C GLN A 7 -3.13 0.45 -0.65
N GLN A 8 -2.95 -0.66 -1.35
CA GLN A 8 -4.00 -1.19 -2.20
C GLN A 8 -4.26 -2.66 -1.86
N HIS A 9 -3.59 -3.13 -0.82
CA HIS A 9 -3.74 -4.51 -0.39
C HIS A 9 -4.40 -4.55 0.99
N GLY A 10 -4.45 -3.37 1.62
CA GLY A 10 -5.05 -3.26 2.94
C GLY A 10 -4.64 -4.43 3.83
N ARG A 11 -3.34 -4.75 3.78
CA ARG A 11 -2.82 -5.83 4.58
C ARG A 11 -2.41 -5.33 5.96
N ALA A 12 -2.84 -4.11 6.26
CA ALA A 12 -2.53 -3.50 7.54
C ALA A 12 -3.10 -2.08 7.59
N LEU A 13 -2.60 -1.25 6.69
CA LEU A 13 -3.05 0.12 6.61
C LEU A 13 -4.57 0.15 6.43
N NH2 A 14 -5.00 -0.40 5.30
HN1 NH2 A 14 -5.98 -0.43 5.11
HN2 NH2 A 14 -4.35 -0.79 4.65
N LEU A 1 4.18 10.06 0.67
CA LEU A 1 5.35 9.50 0.02
C LEU A 1 4.92 8.79 -1.27
N SER A 2 5.90 8.60 -2.15
CA SER A 2 5.64 7.95 -3.43
C SER A 2 5.90 6.44 -3.29
N GLY A 3 4.94 5.77 -2.68
CA GLY A 3 5.04 4.33 -2.48
C GLY A 3 3.67 3.66 -2.55
N ALA A 4 3.19 3.49 -3.77
CA ALA A 4 1.89 2.87 -3.98
C ALA A 4 2.05 1.35 -3.97
N GLN A 5 0.92 0.66 -4.08
CA GLN A 5 0.92 -0.79 -4.08
C GLN A 5 1.04 -1.31 -2.66
N TYR A 6 1.19 -0.39 -1.72
CA TYR A 6 1.31 -0.75 -0.31
C TYR A 6 0.06 -0.35 0.46
N GLN A 7 -0.80 0.41 -0.19
CA GLN A 7 -2.04 0.86 0.42
C GLN A 7 -3.24 0.48 -0.45
N GLN A 8 -3.03 -0.55 -1.26
CA GLN A 8 -4.08 -1.03 -2.14
C GLN A 8 -4.31 -2.53 -1.94
N HIS A 9 -3.61 -3.07 -0.95
CA HIS A 9 -3.74 -4.48 -0.64
C HIS A 9 -4.37 -4.66 0.73
N GLY A 10 -4.45 -3.56 1.46
CA GLY A 10 -5.03 -3.57 2.79
C GLY A 10 -4.45 -4.70 3.64
N ARG A 11 -3.13 -4.70 3.74
CA ARG A 11 -2.44 -5.72 4.51
C ARG A 11 -2.31 -5.28 5.97
N ALA A 12 -2.79 -4.09 6.24
CA ALA A 12 -2.73 -3.53 7.59
C ALA A 12 -3.46 -2.19 7.61
N LEU A 13 -2.85 -1.21 6.97
CA LEU A 13 -3.42 0.13 6.92
C LEU A 13 -3.92 0.52 8.30
N NH2 A 14 -2.99 0.58 9.25
HN1 NH2 A 14 -3.23 0.82 10.18
HN2 NH2 A 14 -2.04 0.38 9.01
N LEU A 1 9.91 7.09 -2.06
CA LEU A 1 9.10 8.04 -2.80
C LEU A 1 7.65 7.96 -2.31
N SER A 2 7.02 6.85 -2.62
CA SER A 2 5.63 6.64 -2.22
C SER A 2 5.17 5.24 -2.64
N GLY A 3 4.94 4.40 -1.64
CA GLY A 3 4.49 3.04 -1.90
C GLY A 3 3.42 3.01 -3.01
N ALA A 4 2.21 3.39 -2.62
CA ALA A 4 1.09 3.41 -3.54
C ALA A 4 0.56 1.99 -3.73
N GLN A 5 1.46 1.11 -4.15
CA GLN A 5 1.10 -0.28 -4.37
C GLN A 5 1.09 -1.05 -3.05
N TYR A 6 1.52 -0.36 -2.00
CA TYR A 6 1.56 -0.96 -0.67
C TYR A 6 0.30 -0.61 0.13
N GLN A 7 -0.46 0.32 -0.41
CA GLN A 7 -1.69 0.75 0.24
C GLN A 7 -2.90 0.37 -0.61
N GLN A 8 -2.73 -0.69 -1.39
CA GLN A 8 -3.80 -1.18 -2.25
C GLN A 8 -4.10 -2.65 -1.96
N HIS A 9 -3.42 -3.16 -0.94
CA HIS A 9 -3.61 -4.55 -0.55
C HIS A 9 -4.28 -4.61 0.82
N GLY A 10 -4.32 -3.46 1.48
CA GLY A 10 -4.92 -3.38 2.80
C GLY A 10 -4.39 -4.47 3.73
N ARG A 11 -3.07 -4.61 3.74
CA ARG A 11 -2.42 -5.61 4.57
C ARG A 11 -2.14 -5.04 5.96
N ALA A 12 -2.77 -3.91 6.24
CA ALA A 12 -2.60 -3.26 7.53
C ALA A 12 -3.39 -1.95 7.54
N LEU A 13 -2.87 -0.97 6.81
CA LEU A 13 -3.50 0.32 6.73
C LEU A 13 -4.00 0.73 8.11
N NH2 A 14 -3.05 0.96 9.01
HN1 NH2 A 14 -3.28 1.23 9.94
HN2 NH2 A 14 -2.09 0.86 8.74
N LEU A 1 11.21 2.48 -0.92
CA LEU A 1 10.76 3.85 -1.02
C LEU A 1 9.76 3.97 -2.16
N SER A 2 8.57 3.42 -1.94
CA SER A 2 7.53 3.46 -2.95
C SER A 2 6.21 2.94 -2.36
N GLY A 3 5.36 3.88 -1.97
CA GLY A 3 4.08 3.53 -1.38
C GLY A 3 2.95 3.73 -2.40
N ALA A 4 2.84 2.78 -3.31
CA ALA A 4 1.81 2.84 -4.33
C ALA A 4 1.02 1.52 -4.34
N GLN A 5 1.78 0.43 -4.43
CA GLN A 5 1.17 -0.89 -4.45
C GLN A 5 1.21 -1.51 -3.06
N TYR A 6 1.34 -0.64 -2.06
CA TYR A 6 1.39 -1.10 -0.68
C TYR A 6 0.20 -0.54 0.11
N GLN A 7 -0.50 0.39 -0.51
CA GLN A 7 -1.66 1.01 0.13
C GLN A 7 -2.93 0.70 -0.66
N GLN A 8 -2.87 -0.42 -1.38
CA GLN A 8 -4.01 -0.85 -2.18
C GLN A 8 -4.33 -2.31 -1.89
N HIS A 9 -3.61 -2.87 -0.92
CA HIS A 9 -3.81 -4.26 -0.55
C HIS A 9 -4.35 -4.33 0.88
N GLY A 10 -4.32 -3.19 1.55
CA GLY A 10 -4.80 -3.11 2.93
C GLY A 10 -4.21 -4.23 3.78
N ARG A 11 -2.91 -4.43 3.63
CA ARG A 11 -2.21 -5.45 4.38
C ARG A 11 -1.68 -4.89 5.69
N ALA A 12 -2.32 -3.81 6.14
CA ALA A 12 -1.93 -3.17 7.39
C ALA A 12 -3.05 -2.22 7.84
N LEU A 13 -3.30 -1.22 7.02
CA LEU A 13 -4.34 -0.25 7.33
C LEU A 13 -5.57 -0.98 7.87
N NH2 A 14 -6.13 -1.82 7.03
HN1 NH2 A 14 -6.94 -2.34 7.31
HN2 NH2 A 14 -5.76 -1.96 6.12
N LEU A 1 8.52 7.40 -5.87
CA LEU A 1 8.47 6.01 -6.29
C LEU A 1 8.39 5.12 -5.04
N SER A 2 7.20 5.11 -4.44
CA SER A 2 6.98 4.30 -3.25
C SER A 2 5.55 4.54 -2.74
N GLY A 3 5.21 3.79 -1.69
CA GLY A 3 3.89 3.90 -1.10
C GLY A 3 2.81 4.08 -2.18
N ALA A 4 2.46 2.97 -2.80
CA ALA A 4 1.45 2.99 -3.84
C ALA A 4 0.88 1.58 -4.02
N GLN A 5 1.76 0.67 -4.41
CA GLN A 5 1.35 -0.71 -4.62
C GLN A 5 1.19 -1.44 -3.28
N TYR A 6 1.53 -0.71 -2.22
CA TYR A 6 1.43 -1.27 -0.87
C TYR A 6 0.19 -0.74 -0.16
N GLN A 7 -0.43 0.26 -0.76
CA GLN A 7 -1.62 0.87 -0.19
C GLN A 7 -2.86 0.44 -0.98
N GLN A 8 -2.77 -0.74 -1.57
CA GLN A 8 -3.87 -1.26 -2.36
C GLN A 8 -4.20 -2.70 -1.92
N HIS A 9 -3.52 -3.13 -0.87
CA HIS A 9 -3.74 -4.47 -0.34
C HIS A 9 -4.36 -4.37 1.05
N GLY A 10 -4.33 -3.17 1.59
CA GLY A 10 -4.88 -2.94 2.92
C GLY A 10 -4.60 -4.12 3.85
N ARG A 11 -3.37 -4.60 3.78
CA ARG A 11 -2.95 -5.73 4.60
C ARG A 11 -2.45 -5.23 5.96
N ALA A 12 -2.74 -3.96 6.25
CA ALA A 12 -2.32 -3.36 7.50
C ALA A 12 -2.99 -1.99 7.64
N LEU A 13 -2.50 -1.05 6.85
CA LEU A 13 -3.04 0.31 6.88
C LEU A 13 -3.00 0.82 8.31
N NH2 A 14 -1.83 1.29 8.72
HN1 NH2 A 14 -1.71 1.65 9.64
HN2 NH2 A 14 -1.05 1.28 8.10
N LEU A 1 9.54 -1.00 -0.19
CA LEU A 1 9.73 -0.43 -1.51
C LEU A 1 8.36 -0.17 -2.14
N SER A 2 8.36 0.73 -3.12
CA SER A 2 7.13 1.08 -3.81
C SER A 2 6.10 1.63 -2.82
N GLY A 3 5.92 2.95 -2.88
CA GLY A 3 4.97 3.61 -1.99
C GLY A 3 3.71 4.03 -2.74
N ALA A 4 2.86 3.05 -2.99
CA ALA A 4 1.62 3.31 -3.70
C ALA A 4 0.81 2.02 -3.79
N GLN A 5 1.41 1.02 -4.40
CA GLN A 5 0.75 -0.27 -4.56
C GLN A 5 0.72 -1.01 -3.21
N TYR A 6 1.36 -0.41 -2.22
CA TYR A 6 1.41 -1.00 -0.89
C TYR A 6 0.17 -0.62 -0.08
N GLN A 7 -0.57 0.33 -0.61
CA GLN A 7 -1.79 0.78 0.05
C GLN A 7 -3.02 0.37 -0.75
N GLN A 8 -2.89 -0.76 -1.43
CA GLN A 8 -3.99 -1.28 -2.24
C GLN A 8 -4.24 -2.75 -1.91
N HIS A 9 -3.52 -3.23 -0.90
CA HIS A 9 -3.66 -4.61 -0.48
C HIS A 9 -4.25 -4.67 0.93
N GLY A 10 -4.27 -3.51 1.57
CA GLY A 10 -4.82 -3.41 2.92
C GLY A 10 -4.26 -4.52 3.82
N ARG A 11 -2.94 -4.58 3.88
CA ARG A 11 -2.27 -5.58 4.69
C ARG A 11 -2.25 -5.15 6.16
N ALA A 12 -2.79 -3.96 6.40
CA ALA A 12 -2.84 -3.42 7.74
C ALA A 12 -3.63 -2.11 7.74
N LEU A 13 -3.06 -1.11 7.09
CA LEU A 13 -3.70 0.19 7.00
C LEU A 13 -4.29 0.55 8.36
N NH2 A 14 -3.43 1.09 9.21
HN1 NH2 A 14 -3.74 1.36 10.13
HN2 NH2 A 14 -2.48 1.23 8.95
N LEU A 1 10.05 1.32 -6.70
CA LEU A 1 10.29 1.50 -5.28
C LEU A 1 9.68 2.82 -4.82
N SER A 2 8.37 2.90 -4.96
CA SER A 2 7.65 4.10 -4.57
C SER A 2 6.54 3.75 -3.58
N GLY A 3 5.98 4.78 -2.97
CA GLY A 3 4.91 4.59 -2.00
C GLY A 3 3.58 4.37 -2.69
N ALA A 4 3.46 3.22 -3.34
CA ALA A 4 2.24 2.88 -4.06
C ALA A 4 2.18 1.36 -4.24
N GLN A 5 0.96 0.86 -4.32
CA GLN A 5 0.74 -0.57 -4.49
C GLN A 5 0.85 -1.29 -3.16
N TYR A 6 1.20 -0.53 -2.13
CA TYR A 6 1.34 -1.09 -0.79
C TYR A 6 0.15 -0.69 0.08
N GLN A 7 -0.67 0.21 -0.45
CA GLN A 7 -1.84 0.67 0.28
C GLN A 7 -3.11 0.28 -0.48
N GLN A 8 -2.97 -0.71 -1.34
CA GLN A 8 -4.09 -1.18 -2.13
C GLN A 8 -4.39 -2.65 -1.81
N HIS A 9 -3.69 -3.16 -0.82
CA HIS A 9 -3.87 -4.54 -0.40
C HIS A 9 -4.46 -4.57 1.01
N GLY A 10 -4.45 -3.42 1.66
CA GLY A 10 -4.97 -3.30 3.01
C GLY A 10 -4.48 -4.45 3.89
N ARG A 11 -3.17 -4.66 3.85
CA ARG A 11 -2.56 -5.72 4.64
C ARG A 11 -2.18 -5.19 6.03
N ALA A 12 -2.78 -4.07 6.38
CA ALA A 12 -2.52 -3.46 7.68
C ALA A 12 -3.30 -2.15 7.79
N LEU A 13 -3.03 -1.25 6.85
CA LEU A 13 -3.71 0.04 6.83
C LEU A 13 -5.17 -0.16 6.41
N NH2 A 14 -5.96 0.87 6.63
HN1 NH2 A 14 -6.93 0.83 6.37
HN2 NH2 A 14 -5.59 1.71 7.05
N LEU A 1 8.43 2.29 -6.64
CA LEU A 1 9.42 2.97 -5.84
C LEU A 1 8.82 3.35 -4.49
N SER A 2 7.82 4.20 -4.54
CA SER A 2 7.15 4.65 -3.34
C SER A 2 6.06 3.65 -2.94
N GLY A 3 5.51 3.86 -1.75
CA GLY A 3 4.46 2.98 -1.25
C GLY A 3 3.11 3.35 -1.85
N ALA A 4 2.99 3.10 -3.15
CA ALA A 4 1.75 3.39 -3.85
C ALA A 4 0.90 2.12 -3.93
N GLN A 5 1.46 1.09 -4.54
CA GLN A 5 0.76 -0.17 -4.68
C GLN A 5 0.66 -0.87 -3.33
N TYR A 6 1.32 -0.28 -2.34
CA TYR A 6 1.31 -0.84 -1.00
C TYR A 6 0.02 -0.48 -0.26
N GLN A 7 -0.70 0.47 -0.83
CA GLN A 7 -1.95 0.92 -0.23
C GLN A 7 -3.14 0.36 -1.02
N GLN A 8 -2.92 -0.81 -1.61
CA GLN A 8 -3.97 -1.46 -2.38
C GLN A 8 -4.13 -2.91 -1.94
N HIS A 9 -3.41 -3.27 -0.88
CA HIS A 9 -3.46 -4.62 -0.35
C HIS A 9 -4.08 -4.58 1.05
N GLY A 10 -4.18 -3.39 1.59
CA GLY A 10 -4.76 -3.21 2.92
C GLY A 10 -4.33 -4.35 3.85
N ARG A 11 -3.03 -4.62 3.84
CA ARG A 11 -2.49 -5.66 4.68
C ARG A 11 -2.11 -5.11 6.06
N ALA A 12 -2.65 -3.94 6.35
CA ALA A 12 -2.40 -3.28 7.62
C ALA A 12 -3.27 -2.04 7.75
N LEU A 13 -2.85 -0.98 7.07
CA LEU A 13 -3.59 0.26 7.09
C LEU A 13 -4.08 0.54 8.52
N NH2 A 14 -3.20 1.15 9.30
HN1 NH2 A 14 -3.45 1.37 10.24
HN2 NH2 A 14 -2.30 1.39 8.94
N LEU A 1 9.82 3.99 -4.28
CA LEU A 1 9.52 2.83 -5.10
C LEU A 1 8.17 2.25 -4.68
N SER A 2 8.08 1.88 -3.42
CA SER A 2 6.86 1.31 -2.88
C SER A 2 6.01 2.41 -2.23
N GLY A 3 4.79 2.04 -1.89
CA GLY A 3 3.87 2.98 -1.26
C GLY A 3 2.45 2.80 -1.79
N ALA A 4 2.22 3.31 -2.99
CA ALA A 4 0.92 3.21 -3.62
C ALA A 4 0.54 1.73 -3.77
N GLN A 5 1.48 0.97 -4.33
CA GLN A 5 1.26 -0.44 -4.53
C GLN A 5 1.27 -1.18 -3.19
N TYR A 6 1.60 -0.43 -2.14
CA TYR A 6 1.65 -1.00 -0.81
C TYR A 6 0.43 -0.62 0.01
N GLN A 7 -0.35 0.31 -0.55
CA GLN A 7 -1.55 0.78 0.10
C GLN A 7 -2.79 0.43 -0.73
N GLN A 8 -2.66 -0.66 -1.48
CA GLN A 8 -3.76 -1.10 -2.33
C GLN A 8 -4.08 -2.58 -2.05
N HIS A 9 -3.41 -3.11 -1.04
CA HIS A 9 -3.62 -4.50 -0.66
C HIS A 9 -4.28 -4.56 0.71
N GLY A 10 -4.29 -3.41 1.38
CA GLY A 10 -4.89 -3.33 2.70
C GLY A 10 -4.38 -4.45 3.61
N ARG A 11 -3.06 -4.49 3.77
CA ARG A 11 -2.45 -5.51 4.60
C ARG A 11 -2.44 -5.05 6.06
N ALA A 12 -2.81 -3.79 6.27
CA ALA A 12 -2.84 -3.24 7.61
C ALA A 12 -3.35 -1.79 7.53
N LEU A 13 -2.55 -0.94 6.91
CA LEU A 13 -2.89 0.46 6.76
C LEU A 13 -3.24 1.04 8.14
N NH2 A 14 -3.60 2.31 8.13
HN1 NH2 A 14 -3.84 2.77 8.99
HN2 NH2 A 14 -3.64 2.82 7.27
N LEU A 1 1.90 4.02 -10.48
CA LEU A 1 3.25 3.90 -11.00
C LEU A 1 4.07 3.03 -10.04
N SER A 2 4.21 3.51 -8.82
CA SER A 2 4.96 2.79 -7.81
C SER A 2 5.05 3.62 -6.53
N GLY A 3 5.24 2.91 -5.42
CA GLY A 3 5.34 3.56 -4.12
C GLY A 3 4.09 3.28 -3.28
N ALA A 4 3.02 4.00 -3.60
CA ALA A 4 1.77 3.84 -2.88
C ALA A 4 1.00 2.64 -3.46
N GLN A 5 1.69 1.51 -3.52
CA GLN A 5 1.08 0.30 -4.05
C GLN A 5 0.98 -0.77 -2.95
N TYR A 6 1.54 -0.44 -1.79
CA TYR A 6 1.50 -1.35 -0.66
C TYR A 6 0.23 -1.17 0.15
N GLN A 7 -0.29 0.05 0.13
CA GLN A 7 -1.50 0.37 0.87
C GLN A 7 -2.72 0.19 -0.03
N GLN A 8 -2.64 -0.81 -0.90
CA GLN A 8 -3.72 -1.10 -1.82
C GLN A 8 -4.16 -2.56 -1.68
N HIS A 9 -3.57 -3.23 -0.71
CA HIS A 9 -3.87 -4.63 -0.46
C HIS A 9 -4.60 -4.76 0.89
N GLY A 10 -4.56 -3.68 1.64
CA GLY A 10 -5.19 -3.66 2.95
C GLY A 10 -4.53 -4.67 3.91
N ARG A 11 -3.22 -4.75 3.79
CA ARG A 11 -2.46 -5.66 4.63
C ARG A 11 -2.09 -4.98 5.96
N ALA A 12 -2.53 -3.74 6.09
CA ALA A 12 -2.27 -2.96 7.29
C ALA A 12 -3.47 -2.09 7.61
N LEU A 13 -3.85 -1.27 6.64
CA LEU A 13 -4.99 -0.38 6.81
C LEU A 13 -6.10 -1.12 7.54
N NH2 A 14 -6.62 -2.16 6.88
HN1 NH2 A 14 -7.35 -2.71 7.29
HN2 NH2 A 14 -6.27 -2.40 5.97
N LEU A 1 9.74 9.40 -3.92
CA LEU A 1 9.68 7.98 -3.64
C LEU A 1 8.86 7.29 -4.72
N SER A 2 7.59 7.67 -4.80
CA SER A 2 6.68 7.09 -5.78
C SER A 2 6.52 5.59 -5.52
N GLY A 3 5.65 5.27 -4.58
CA GLY A 3 5.39 3.89 -4.22
C GLY A 3 4.15 3.78 -3.34
N ALA A 4 2.98 3.87 -3.97
CA ALA A 4 1.74 3.77 -3.25
C ALA A 4 0.99 2.51 -3.68
N GLN A 5 1.70 1.39 -3.63
CA GLN A 5 1.13 0.11 -4.01
C GLN A 5 0.98 -0.78 -2.79
N TYR A 6 1.47 -0.29 -1.66
CA TYR A 6 1.39 -1.04 -0.41
C TYR A 6 0.04 -0.83 0.27
N GLN A 7 -0.53 0.35 0.03
CA GLN A 7 -1.81 0.69 0.62
C GLN A 7 -2.95 0.30 -0.33
N GLN A 8 -2.70 -0.75 -1.09
CA GLN A 8 -3.70 -1.22 -2.05
C GLN A 8 -3.97 -2.72 -1.83
N HIS A 9 -3.36 -3.25 -0.77
CA HIS A 9 -3.53 -4.65 -0.44
C HIS A 9 -4.30 -4.77 0.89
N GLY A 10 -4.40 -3.65 1.58
CA GLY A 10 -5.09 -3.61 2.85
C GLY A 10 -4.61 -4.75 3.77
N ARG A 11 -3.29 -4.84 3.89
CA ARG A 11 -2.69 -5.87 4.73
C ARG A 11 -2.62 -5.39 6.18
N ALA A 12 -3.28 -4.27 6.43
CA ALA A 12 -3.31 -3.70 7.77
C ALA A 12 -3.98 -2.33 7.72
N LEU A 13 -3.30 -1.40 7.08
CA LEU A 13 -3.81 -0.04 6.96
C LEU A 13 -5.14 -0.08 6.20
N NH2 A 14 -5.05 -0.44 4.93
HN1 NH2 A 14 -5.86 -0.49 4.36
HN2 NH2 A 14 -4.15 -0.67 4.53
N LEU A 1 9.18 9.45 -7.29
CA LEU A 1 8.00 9.90 -6.57
C LEU A 1 6.79 9.09 -7.05
N SER A 2 6.82 7.80 -6.75
CA SER A 2 5.74 6.92 -7.13
C SER A 2 5.83 5.60 -6.35
N GLY A 3 5.25 5.62 -5.15
CA GLY A 3 5.27 4.44 -4.31
C GLY A 3 3.96 4.34 -3.50
N ALA A 4 2.94 3.83 -4.16
CA ALA A 4 1.65 3.67 -3.53
C ALA A 4 1.06 2.31 -3.90
N GLN A 5 1.79 1.27 -3.56
CA GLN A 5 1.37 -0.08 -3.86
C GLN A 5 1.19 -0.89 -2.57
N TYR A 6 1.57 -0.26 -1.46
CA TYR A 6 1.46 -0.89 -0.16
C TYR A 6 0.07 -0.67 0.44
N GLN A 7 -0.52 0.45 0.07
CA GLN A 7 -1.85 0.79 0.57
C GLN A 7 -2.92 0.33 -0.43
N GLN A 8 -2.64 -0.80 -1.07
CA GLN A 8 -3.57 -1.35 -2.04
C GLN A 8 -3.83 -2.84 -1.73
N HIS A 9 -3.28 -3.28 -0.61
CA HIS A 9 -3.45 -4.66 -0.20
C HIS A 9 -4.30 -4.71 1.06
N GLY A 10 -4.49 -3.55 1.67
CA GLY A 10 -5.28 -3.45 2.88
C GLY A 10 -5.01 -4.63 3.82
N ARG A 11 -3.74 -5.01 3.88
CA ARG A 11 -3.33 -6.11 4.72
C ARG A 11 -3.25 -5.66 6.19
N ALA A 12 -3.56 -4.39 6.40
CA ALA A 12 -3.53 -3.82 7.74
C ALA A 12 -3.77 -2.32 7.66
N LEU A 13 -2.91 -1.65 6.89
CA LEU A 13 -3.02 -0.22 6.72
C LEU A 13 -3.94 0.09 5.53
N NH2 A 14 -3.51 -0.37 4.37
HN1 NH2 A 14 -4.04 -0.22 3.54
HN2 NH2 A 14 -2.63 -0.88 4.32
N LEU A 1 6.82 11.00 -6.69
CA LEU A 1 6.11 10.38 -5.59
C LEU A 1 5.23 9.25 -6.12
N SER A 2 5.90 8.23 -6.64
CA SER A 2 5.20 7.08 -7.18
C SER A 2 5.60 5.81 -6.42
N GLY A 3 4.86 5.56 -5.35
CA GLY A 3 5.14 4.38 -4.52
C GLY A 3 4.07 4.22 -3.44
N ALA A 4 2.92 3.72 -3.85
CA ALA A 4 1.82 3.51 -2.93
C ALA A 4 1.08 2.22 -3.31
N GLN A 5 1.86 1.20 -3.59
CA GLN A 5 1.31 -0.09 -3.96
C GLN A 5 1.11 -0.96 -2.72
N TYR A 6 1.57 -0.45 -1.60
CA TYR A 6 1.45 -1.17 -0.34
C TYR A 6 0.10 -0.88 0.33
N GLN A 7 -0.42 0.30 0.06
CA GLN A 7 -1.70 0.70 0.62
C GLN A 7 -2.84 0.34 -0.34
N GLN A 8 -2.62 -0.73 -1.08
CA GLN A 8 -3.62 -1.19 -2.05
C GLN A 8 -3.95 -2.66 -1.79
N HIS A 9 -3.38 -3.19 -0.72
CA HIS A 9 -3.61 -4.58 -0.36
C HIS A 9 -4.39 -4.65 0.95
N GLY A 10 -4.48 -3.51 1.61
CA GLY A 10 -5.19 -3.43 2.87
C GLY A 10 -4.83 -4.60 3.79
N ARG A 11 -3.54 -4.92 3.81
CA ARG A 11 -3.06 -6.01 4.63
C ARG A 11 -2.78 -5.53 6.06
N ALA A 12 -3.23 -4.32 6.33
CA ALA A 12 -3.05 -3.73 7.65
C ALA A 12 -3.76 -2.38 7.71
N LEU A 13 -3.21 -1.42 6.99
CA LEU A 13 -3.78 -0.08 6.95
C LEU A 13 -5.08 -0.11 6.13
N NH2 A 14 -4.93 -0.48 4.87
HN1 NH2 A 14 -5.72 -0.53 4.26
HN2 NH2 A 14 -4.02 -0.72 4.52
N LEU A 1 11.39 4.72 -4.33
CA LEU A 1 10.77 3.51 -3.80
C LEU A 1 9.29 3.50 -4.20
N SER A 2 8.88 2.37 -4.76
CA SER A 2 7.50 2.21 -5.19
C SER A 2 6.58 2.14 -3.96
N GLY A 3 6.21 3.31 -3.47
CA GLY A 3 5.34 3.40 -2.31
C GLY A 3 3.98 4.00 -2.68
N ALA A 4 3.12 3.14 -3.23
CA ALA A 4 1.79 3.58 -3.64
C ALA A 4 0.86 2.37 -3.68
N GLN A 5 1.36 1.31 -4.30
CA GLN A 5 0.59 0.07 -4.42
C GLN A 5 0.50 -0.64 -3.07
N TYR A 6 1.18 -0.06 -2.08
CA TYR A 6 1.19 -0.63 -0.75
C TYR A 6 -0.18 -0.46 -0.08
N GLN A 7 -0.86 0.61 -0.47
CA GLN A 7 -2.17 0.90 0.09
C GLN A 7 -3.26 0.26 -0.77
N GLN A 8 -2.92 -0.89 -1.33
CA GLN A 8 -3.87 -1.62 -2.18
C GLN A 8 -3.94 -3.09 -1.75
N HIS A 9 -3.25 -3.38 -0.64
CA HIS A 9 -3.23 -4.73 -0.13
C HIS A 9 -4.01 -4.79 1.19
N GLY A 10 -4.31 -3.61 1.71
CA GLY A 10 -5.05 -3.51 2.96
C GLY A 10 -4.61 -4.59 3.95
N ARG A 11 -3.33 -4.92 3.88
CA ARG A 11 -2.77 -5.94 4.75
C ARG A 11 -2.54 -5.36 6.15
N ALA A 12 -2.87 -4.08 6.29
CA ALA A 12 -2.69 -3.40 7.56
C ALA A 12 -3.42 -2.05 7.51
N LEU A 13 -2.84 -1.13 6.75
CA LEU A 13 -3.42 0.20 6.61
C LEU A 13 -4.83 0.07 6.02
N NH2 A 14 -5.79 0.63 6.76
HN1 NH2 A 14 -6.74 0.59 6.44
HN2 NH2 A 14 -5.56 1.08 7.62
N LEU A 1 7.14 11.48 -5.23
CA LEU A 1 7.95 10.62 -4.39
C LEU A 1 7.07 9.90 -3.38
N SER A 2 6.42 8.84 -3.86
CA SER A 2 5.54 8.06 -3.01
C SER A 2 5.37 6.66 -3.58
N GLY A 3 5.91 5.69 -2.85
CA GLY A 3 5.82 4.30 -3.28
C GLY A 3 4.43 3.97 -3.82
N ALA A 4 3.50 3.79 -2.90
CA ALA A 4 2.13 3.48 -3.27
C ALA A 4 2.06 2.03 -3.76
N GLN A 5 0.84 1.56 -3.94
CA GLN A 5 0.62 0.20 -4.41
C GLN A 5 0.67 -0.78 -3.24
N TYR A 6 1.06 -0.25 -2.09
CA TYR A 6 1.15 -1.06 -0.89
C TYR A 6 -0.14 -0.98 -0.06
N GLN A 7 -0.79 0.18 -0.18
CA GLN A 7 -2.03 0.40 0.55
C GLN A 7 -3.21 -0.17 -0.23
N GLN A 8 -2.88 -0.93 -1.27
CA GLN A 8 -3.91 -1.53 -2.11
C GLN A 8 -4.11 -3.00 -1.72
N HIS A 9 -3.42 -3.40 -0.66
CA HIS A 9 -3.51 -4.77 -0.19
C HIS A 9 -4.27 -4.80 1.14
N GLY A 10 -4.45 -3.63 1.71
CA GLY A 10 -5.14 -3.50 2.98
C GLY A 10 -4.70 -4.58 3.97
N ARG A 11 -3.41 -4.89 3.90
CA ARG A 11 -2.84 -5.91 4.78
C ARG A 11 -2.39 -5.27 6.09
N ALA A 12 -2.86 -4.06 6.33
CA ALA A 12 -2.51 -3.33 7.54
C ALA A 12 -3.45 -2.13 7.69
N LEU A 13 -3.26 -1.17 6.81
CA LEU A 13 -4.08 0.04 6.84
C LEU A 13 -5.48 -0.28 6.29
N NH2 A 14 -6.47 0.28 6.96
HN1 NH2 A 14 -7.43 0.13 6.67
HN2 NH2 A 14 -6.29 0.86 7.75
N LEU A 1 4.61 9.75 1.56
CA LEU A 1 4.27 9.99 0.17
C LEU A 1 5.37 9.40 -0.73
N SER A 2 5.39 8.08 -0.78
CA SER A 2 6.37 7.38 -1.58
C SER A 2 6.10 5.87 -1.55
N GLY A 3 6.13 5.27 -2.73
CA GLY A 3 5.90 3.84 -2.84
C GLY A 3 4.55 3.56 -3.51
N ALA A 4 3.50 3.70 -2.71
CA ALA A 4 2.15 3.47 -3.20
C ALA A 4 2.04 2.03 -3.72
N GLN A 5 0.80 1.59 -3.91
CA GLN A 5 0.54 0.25 -4.40
C GLN A 5 0.57 -0.75 -3.24
N TYR A 6 0.98 -0.26 -2.08
CA TYR A 6 1.06 -1.09 -0.89
C TYR A 6 -0.21 -0.96 -0.06
N GLN A 7 -0.83 0.21 -0.15
CA GLN A 7 -2.05 0.47 0.59
C GLN A 7 -3.28 0.09 -0.25
N GLN A 8 -3.09 -0.93 -1.08
CA GLN A 8 -4.17 -1.39 -1.94
C GLN A 8 -4.42 -2.89 -1.72
N HIS A 9 -3.71 -3.43 -0.74
CA HIS A 9 -3.84 -4.84 -0.42
C HIS A 9 -4.47 -5.00 0.97
N GLY A 10 -4.52 -3.89 1.68
CA GLY A 10 -5.09 -3.89 3.02
C GLY A 10 -4.31 -4.81 3.96
N ARG A 11 -2.99 -4.75 3.83
CA ARG A 11 -2.11 -5.56 4.65
C ARG A 11 -1.80 -4.85 5.96
N ALA A 12 -2.54 -3.79 6.22
CA ALA A 12 -2.35 -3.01 7.42
C ALA A 12 -3.44 -1.94 7.52
N LEU A 13 -3.38 -1.00 6.60
CA LEU A 13 -4.35 0.09 6.57
C LEU A 13 -4.62 0.56 7.99
N NH2 A 14 -3.62 1.18 8.59
HN1 NH2 A 14 -3.72 1.52 9.52
HN2 NH2 A 14 -2.76 1.31 8.10
N LEU A 1 8.49 4.03 -10.80
CA LEU A 1 7.18 3.60 -10.37
C LEU A 1 6.75 4.41 -9.15
N SER A 2 5.44 4.63 -9.03
CA SER A 2 4.90 5.38 -7.93
C SER A 2 4.91 4.53 -6.65
N GLY A 3 5.29 5.16 -5.55
CA GLY A 3 5.35 4.48 -4.27
C GLY A 3 3.99 4.49 -3.58
N ALA A 4 3.07 3.73 -4.14
CA ALA A 4 1.73 3.64 -3.59
C ALA A 4 1.12 2.27 -3.95
N GLN A 5 1.85 1.23 -3.59
CA GLN A 5 1.39 -0.13 -3.86
C GLN A 5 1.17 -0.88 -2.55
N TYR A 6 1.54 -0.24 -1.46
CA TYR A 6 1.39 -0.84 -0.15
C TYR A 6 -0.01 -0.62 0.41
N GLN A 7 -0.60 0.50 -0.01
CA GLN A 7 -1.94 0.85 0.43
C GLN A 7 -2.98 0.33 -0.56
N GLN A 8 -2.68 -0.82 -1.14
CA GLN A 8 -3.58 -1.43 -2.10
C GLN A 8 -3.82 -2.90 -1.75
N HIS A 9 -3.28 -3.29 -0.60
CA HIS A 9 -3.43 -4.67 -0.14
C HIS A 9 -4.30 -4.68 1.12
N GLY A 10 -4.49 -3.51 1.70
CA GLY A 10 -5.29 -3.38 2.90
C GLY A 10 -5.07 -4.57 3.84
N ARG A 11 -3.84 -5.07 3.82
CA ARG A 11 -3.49 -6.21 4.65
C ARG A 11 -3.23 -5.74 6.09
N ALA A 12 -3.37 -4.44 6.30
CA ALA A 12 -3.15 -3.86 7.61
C ALA A 12 -3.70 -2.44 7.64
N LEU A 13 -2.90 -1.52 7.10
CA LEU A 13 -3.29 -0.12 7.06
C LEU A 13 -4.73 -0.02 6.56
N NH2 A 14 -5.49 0.86 7.20
HN1 NH2 A 14 -6.45 0.99 6.95
HN2 NH2 A 14 -5.09 1.40 7.95
N LEU A 1 5.82 6.81 -8.54
CA LEU A 1 4.53 7.01 -7.91
C LEU A 1 4.67 6.86 -6.40
N SER A 2 5.88 7.07 -5.92
CA SER A 2 6.17 6.96 -4.50
C SER A 2 5.88 5.54 -4.02
N GLY A 3 5.79 5.40 -2.70
CA GLY A 3 5.51 4.10 -2.10
C GLY A 3 4.02 3.79 -2.14
N ALA A 4 3.53 3.56 -3.35
CA ALA A 4 2.12 3.26 -3.54
C ALA A 4 1.98 1.80 -4.00
N GLN A 5 0.73 1.37 -4.14
CA GLN A 5 0.45 0.01 -4.57
C GLN A 5 0.48 -0.93 -3.37
N TYR A 6 0.92 -0.39 -2.24
CA TYR A 6 1.00 -1.18 -1.02
C TYR A 6 -0.27 -1.01 -0.17
N GLN A 7 -0.87 0.16 -0.30
CA GLN A 7 -2.08 0.46 0.44
C GLN A 7 -3.31 -0.08 -0.29
N GLN A 8 -3.03 -0.86 -1.33
CA GLN A 8 -4.10 -1.45 -2.12
C GLN A 8 -4.26 -2.93 -1.77
N HIS A 9 -3.50 -3.36 -0.78
CA HIS A 9 -3.56 -4.75 -0.34
C HIS A 9 -4.23 -4.84 1.03
N GLY A 10 -4.40 -3.67 1.64
CA GLY A 10 -5.04 -3.60 2.95
C GLY A 10 -4.42 -4.62 3.90
N ARG A 11 -3.11 -4.72 3.87
CA ARG A 11 -2.39 -5.66 4.72
C ARG A 11 -2.08 -5.01 6.06
N ALA A 12 -2.75 -3.91 6.33
CA ALA A 12 -2.55 -3.18 7.57
C ALA A 12 -3.39 -1.90 7.56
N LEU A 13 -2.98 -0.98 6.70
CA LEU A 13 -3.67 0.29 6.57
C LEU A 13 -5.16 0.03 6.30
N NH2 A 14 -5.96 1.05 6.58
HN1 NH2 A 14 -6.95 0.96 6.43
HN2 NH2 A 14 -5.58 1.90 6.93
N LEU A 1 10.85 7.13 -4.30
CA LEU A 1 10.73 6.03 -5.24
C LEU A 1 9.32 5.47 -5.19
N SER A 2 9.10 4.41 -5.94
CA SER A 2 7.80 3.76 -6.00
C SER A 2 7.20 3.70 -4.59
N GLY A 3 5.91 4.01 -4.52
CA GLY A 3 5.22 3.99 -3.24
C GLY A 3 3.83 3.35 -3.39
N ALA A 4 2.92 4.12 -3.96
CA ALA A 4 1.55 3.64 -4.16
C ALA A 4 1.60 2.20 -4.67
N GLN A 5 1.24 1.29 -3.78
CA GLN A 5 1.23 -0.13 -4.12
C GLN A 5 1.05 -0.97 -2.86
N TYR A 6 1.55 -0.44 -1.76
CA TYR A 6 1.45 -1.14 -0.48
C TYR A 6 0.12 -0.83 0.21
N GLN A 7 -0.39 0.35 -0.06
CA GLN A 7 -1.65 0.77 0.52
C GLN A 7 -2.82 0.39 -0.40
N GLN A 8 -2.65 -0.72 -1.10
CA GLN A 8 -3.67 -1.19 -2.01
C GLN A 8 -3.98 -2.67 -1.74
N HIS A 9 -3.36 -3.19 -0.68
CA HIS A 9 -3.57 -4.57 -0.30
C HIS A 9 -4.33 -4.63 1.03
N GLY A 10 -4.41 -3.48 1.68
CA GLY A 10 -5.11 -3.39 2.95
C GLY A 10 -4.72 -4.55 3.86
N ARG A 11 -3.44 -4.88 3.85
CA ARG A 11 -2.94 -5.96 4.68
C ARG A 11 -2.60 -5.46 6.09
N ALA A 12 -3.00 -4.22 6.34
CA ALA A 12 -2.76 -3.61 7.64
C ALA A 12 -3.64 -2.38 7.80
N LEU A 13 -3.31 -1.34 7.04
CA LEU A 13 -4.07 -0.10 7.09
C LEU A 13 -4.40 0.23 8.55
N NH2 A 14 -3.36 0.58 9.28
HN1 NH2 A 14 -3.49 0.82 10.25
HN2 NH2 A 14 -2.44 0.61 8.89
#